data_1M4V
#
_entry.id   1M4V
#
_cell.length_a   65.123
_cell.length_b   65.123
_cell.length_c   196.731
_cell.angle_alpha   90.00
_cell.angle_beta   90.00
_cell.angle_gamma   120.00
#
_symmetry.space_group_name_H-M   'P 63'
#
loop_
_entity.id
_entity.type
_entity.pdbx_description
1 polymer 'SET3, superantigen-like protein'
2 water water
#
_entity_poly.entity_id   1
_entity_poly.type   'polypeptide(L)'
_entity_poly.pdbx_seq_one_letter_code
;SEHKAKYENVTKDIFDLRDYYSGASKELKNVTGYRYSKGGKHYLIFDKHQKFTRIQIFGKDIERLKTRKNPGLDIFVVKE
AENRNGTVFSYGGVTKKNQGAYYDYLNAPKFVIKKEVDAGVYTHVKRHYIYKEEVSLKELDFKLRQYLIQNFDLYKKFPK
DSKIKVIMKDGGYYTFELNKKLQPHRMSDVIDGRNIEKMEANIR
;
_entity_poly.pdbx_strand_id   A,B
#
# COMPACT_ATOMS: atom_id res chain seq x y z
N ALA A 5 -28.71 25.57 9.24
CA ALA A 5 -27.63 26.51 9.68
C ALA A 5 -26.26 25.96 9.33
N LYS A 6 -25.25 26.83 9.34
CA LYS A 6 -23.88 26.44 9.02
C LYS A 6 -23.08 26.21 10.29
N TYR A 7 -22.30 25.14 10.31
CA TYR A 7 -21.49 24.80 11.48
C TYR A 7 -20.01 24.60 11.15
N GLU A 8 -19.16 24.91 12.11
CA GLU A 8 -17.73 24.75 11.94
C GLU A 8 -17.14 23.94 13.10
N ASN A 9 -16.11 23.16 12.79
CA ASN A 9 -15.43 22.35 13.79
C ASN A 9 -16.30 21.40 14.60
N VAL A 10 -17.41 20.95 14.02
CA VAL A 10 -18.29 20.02 14.73
C VAL A 10 -18.41 18.71 13.97
N THR A 11 -18.48 17.61 14.71
CA THR A 11 -18.58 16.28 14.12
C THR A 11 -20.01 15.72 14.10
N LYS A 12 -20.97 16.47 14.62
CA LYS A 12 -22.35 15.98 14.64
C LYS A 12 -22.83 15.48 13.27
N ASP A 13 -22.48 16.20 12.21
CA ASP A 13 -22.93 15.78 10.89
C ASP A 13 -22.26 14.52 10.37
N ILE A 14 -20.95 14.36 10.60
CA ILE A 14 -20.29 13.15 10.12
C ILE A 14 -20.70 11.95 10.98
N PHE A 15 -20.99 12.17 12.25
CA PHE A 15 -21.42 11.05 13.08
C PHE A 15 -22.84 10.68 12.65
N ASP A 16 -23.61 11.67 12.22
CA ASP A 16 -24.96 11.42 11.74
C ASP A 16 -24.88 10.61 10.44
N LEU A 17 -23.89 10.92 9.61
CA LEU A 17 -23.72 10.19 8.35
C LEU A 17 -23.36 8.75 8.68
N ARG A 18 -22.51 8.58 9.68
CA ARG A 18 -22.09 7.26 10.11
C ARG A 18 -23.29 6.42 10.55
N ASP A 19 -24.16 7.03 11.36
CA ASP A 19 -25.34 6.33 11.85
C ASP A 19 -26.26 5.93 10.70
N TYR A 20 -26.37 6.81 9.71
CA TYR A 20 -27.23 6.54 8.57
C TYR A 20 -26.70 5.37 7.75
N TYR A 21 -25.46 5.48 7.30
CA TYR A 21 -24.83 4.45 6.48
C TYR A 21 -24.47 3.14 7.17
N SER A 22 -24.45 3.13 8.51
CA SER A 22 -24.12 1.91 9.21
C SER A 22 -25.43 1.33 9.74
N GLY A 23 -26.53 1.98 9.38
CA GLY A 23 -27.85 1.55 9.80
C GLY A 23 -28.44 0.43 8.96
N ALA A 24 -29.64 0.00 9.33
CA ALA A 24 -30.32 -1.07 8.64
C ALA A 24 -30.80 -0.68 7.25
N SER A 25 -30.86 -1.68 6.38
CA SER A 25 -31.33 -1.51 5.01
C SER A 25 -32.01 -2.82 4.66
N LYS A 26 -32.84 -2.80 3.63
CA LYS A 26 -33.54 -4.00 3.24
C LYS A 26 -33.84 -3.99 1.75
N GLU A 27 -33.91 -5.18 1.15
CA GLU A 27 -34.24 -5.27 -0.27
C GLU A 27 -35.57 -5.98 -0.43
N LEU A 28 -36.45 -5.36 -1.21
CA LEU A 28 -37.75 -5.95 -1.49
C LEU A 28 -37.61 -6.51 -2.90
N LYS A 29 -37.69 -7.82 -3.03
CA LYS A 29 -37.52 -8.48 -4.33
C LYS A 29 -38.80 -8.79 -5.08
N ASN A 30 -38.75 -8.57 -6.39
CA ASN A 30 -39.87 -8.83 -7.28
C ASN A 30 -41.21 -8.40 -6.69
N VAL A 31 -41.34 -7.10 -6.46
CA VAL A 31 -42.56 -6.53 -5.90
C VAL A 31 -43.17 -5.60 -6.94
N THR A 32 -44.48 -5.35 -6.81
CA THR A 32 -45.16 -4.47 -7.73
C THR A 32 -45.41 -3.13 -7.07
N GLY A 33 -44.99 -2.06 -7.73
CA GLY A 33 -45.15 -0.74 -7.18
C GLY A 33 -46.26 0.05 -7.83
N TYR A 34 -47.12 0.63 -7.01
CA TYR A 34 -48.23 1.42 -7.51
C TYR A 34 -47.88 2.89 -7.42
N ARG A 35 -47.88 3.53 -8.58
CA ARG A 35 -47.50 4.92 -8.74
C ARG A 35 -48.60 5.96 -8.54
N TYR A 36 -48.19 7.11 -8.03
CA TYR A 36 -49.09 8.22 -7.82
C TYR A 36 -48.26 9.45 -7.51
N SER A 37 -48.83 10.62 -7.74
CA SER A 37 -48.11 11.87 -7.47
C SER A 37 -48.94 12.73 -6.55
N LYS A 38 -48.25 13.58 -5.77
CA LYS A 38 -48.93 14.46 -4.85
C LYS A 38 -48.04 15.66 -4.52
N GLY A 39 -48.53 16.85 -4.86
CA GLY A 39 -47.78 18.06 -4.58
C GLY A 39 -46.49 18.24 -5.36
N GLY A 40 -46.42 17.65 -6.55
CA GLY A 40 -45.21 17.78 -7.34
C GLY A 40 -44.22 16.65 -7.10
N LYS A 41 -44.50 15.82 -6.10
CA LYS A 41 -43.64 14.68 -5.79
C LYS A 41 -44.25 13.39 -6.32
N HIS A 42 -43.40 12.44 -6.67
CA HIS A 42 -43.85 11.16 -7.22
C HIS A 42 -43.45 10.01 -6.31
N TYR A 43 -44.38 9.08 -6.10
CA TYR A 43 -44.10 7.94 -5.23
C TYR A 43 -44.53 6.60 -5.81
N LEU A 44 -44.06 5.55 -5.15
CA LEU A 44 -44.39 4.17 -5.47
C LEU A 44 -44.69 3.55 -4.13
N ILE A 45 -45.86 2.92 -4.00
CA ILE A 45 -46.23 2.30 -2.75
C ILE A 45 -46.19 0.78 -2.95
N PHE A 46 -45.57 0.07 -2.02
CA PHE A 46 -45.45 -1.37 -2.09
C PHE A 46 -46.02 -2.09 -0.89
N ASP A 47 -46.26 -3.38 -1.07
CA ASP A 47 -46.78 -4.23 -0.03
C ASP A 47 -46.09 -5.59 -0.14
N LYS A 48 -45.68 -6.14 1.00
CA LYS A 48 -45.02 -7.43 1.04
C LYS A 48 -44.85 -7.84 2.50
N HIS A 49 -45.29 -9.06 2.81
CA HIS A 49 -45.22 -9.57 4.17
C HIS A 49 -46.11 -8.72 5.06
N GLN A 50 -47.21 -8.24 4.49
CA GLN A 50 -48.17 -7.42 5.20
C GLN A 50 -47.57 -6.10 5.68
N LYS A 51 -46.50 -5.67 5.00
CA LYS A 51 -45.83 -4.41 5.34
C LYS A 51 -45.87 -3.45 4.16
N PHE A 52 -46.08 -2.17 4.47
CA PHE A 52 -46.15 -1.15 3.44
C PHE A 52 -44.92 -0.24 3.43
N THR A 53 -44.46 0.07 2.23
CA THR A 53 -43.29 0.92 2.06
C THR A 53 -43.60 1.93 0.97
N ARG A 54 -43.34 3.20 1.23
CA ARG A 54 -43.58 4.24 0.24
C ARG A 54 -42.22 4.76 -0.22
N ILE A 55 -42.00 4.74 -1.53
CA ILE A 55 -40.75 5.20 -2.10
C ILE A 55 -40.94 6.46 -2.95
N GLN A 56 -40.13 7.48 -2.70
CA GLN A 56 -40.25 8.68 -3.53
C GLN A 56 -39.27 8.46 -4.68
N ILE A 57 -39.70 8.74 -5.90
CA ILE A 57 -38.82 8.55 -7.06
C ILE A 57 -38.43 9.88 -7.70
N PHE A 58 -37.27 9.87 -8.35
CA PHE A 58 -36.73 11.06 -8.99
C PHE A 58 -36.14 10.70 -10.35
N GLY A 59 -35.48 11.67 -10.98
CA GLY A 59 -34.85 11.44 -12.27
C GLY A 59 -35.65 10.69 -13.32
N LYS A 60 -34.99 9.77 -14.02
CA LYS A 60 -35.64 8.99 -15.07
C LYS A 60 -36.76 8.11 -14.57
N ASP A 61 -36.81 7.88 -13.25
CA ASP A 61 -37.86 7.04 -12.68
C ASP A 61 -39.23 7.66 -12.92
N ILE A 62 -39.31 8.98 -12.81
CA ILE A 62 -40.56 9.70 -13.00
C ILE A 62 -41.26 9.29 -14.29
N GLU A 63 -40.54 9.28 -15.40
CA GLU A 63 -41.13 8.89 -16.67
C GLU A 63 -41.06 7.39 -16.91
N ARG A 64 -39.98 6.75 -16.47
CA ARG A 64 -39.84 5.31 -16.67
C ARG A 64 -40.97 4.53 -16.03
N LEU A 65 -41.29 4.88 -14.78
CA LEU A 65 -42.36 4.21 -14.06
C LEU A 65 -43.62 5.04 -14.16
N LYS A 66 -43.83 5.63 -15.33
CA LYS A 66 -44.99 6.48 -15.62
C LYS A 66 -46.31 5.79 -15.37
N THR A 67 -46.48 4.59 -15.94
CA THR A 67 -47.71 3.84 -15.78
C THR A 67 -48.09 3.71 -14.31
N ARG A 68 -49.37 3.52 -14.04
CA ARG A 68 -49.87 3.38 -12.68
C ARG A 68 -49.39 2.09 -12.02
N LYS A 69 -49.33 1.01 -12.80
CA LYS A 69 -48.88 -0.28 -12.30
C LYS A 69 -47.46 -0.58 -12.76
N ASN A 70 -46.62 -1.06 -11.84
CA ASN A 70 -45.23 -1.35 -12.16
C ASN A 70 -44.74 -2.63 -11.48
N PRO A 71 -44.88 -3.78 -12.17
CA PRO A 71 -44.46 -5.07 -11.64
C PRO A 71 -42.98 -5.41 -11.85
N GLY A 72 -42.56 -6.51 -11.24
CA GLY A 72 -41.18 -6.98 -11.38
C GLY A 72 -40.08 -6.01 -10.99
N LEU A 73 -40.22 -5.39 -9.83
CA LEU A 73 -39.22 -4.43 -9.37
C LEU A 73 -38.51 -4.92 -8.12
N ASP A 74 -37.25 -4.51 -7.98
CA ASP A 74 -36.44 -4.81 -6.80
C ASP A 74 -36.26 -3.44 -6.16
N ILE A 75 -36.39 -3.36 -4.85
CA ILE A 75 -36.23 -2.08 -4.17
C ILE A 75 -35.23 -2.13 -3.02
N PHE A 76 -34.27 -1.22 -3.04
CA PHE A 76 -33.28 -1.14 -1.97
C PHE A 76 -33.80 -0.07 -1.03
N VAL A 77 -34.27 -0.50 0.13
CA VAL A 77 -34.86 0.40 1.11
C VAL A 77 -33.98 0.84 2.28
N VAL A 78 -33.97 2.14 2.54
CA VAL A 78 -33.25 2.72 3.66
C VAL A 78 -34.26 3.69 4.27
N LYS A 79 -34.65 3.41 5.50
CA LYS A 79 -35.62 4.22 6.20
C LYS A 79 -35.18 5.66 6.43
N GLU A 80 -35.99 6.60 5.94
CA GLU A 80 -35.71 8.02 6.09
C GLU A 80 -36.66 8.54 7.16
N ALA A 81 -37.84 7.92 7.21
CA ALA A 81 -38.89 8.25 8.18
C ALA A 81 -39.97 7.18 8.11
N GLU A 82 -40.91 7.19 9.05
CA GLU A 82 -41.99 6.22 9.07
C GLU A 82 -43.15 6.64 9.95
N THR A 87 -45.91 2.61 7.94
CA THR A 87 -45.42 2.71 6.53
C THR A 87 -44.03 3.37 6.50
N VAL A 88 -43.03 2.61 6.07
CA VAL A 88 -41.68 3.14 6.00
C VAL A 88 -41.47 3.94 4.71
N PHE A 89 -40.76 5.05 4.82
CA PHE A 89 -40.48 5.90 3.67
C PHE A 89 -39.00 5.85 3.30
N SER A 90 -38.72 5.77 2.00
CA SER A 90 -37.36 5.71 1.49
C SER A 90 -37.25 6.44 0.15
N TYR A 91 -36.03 6.81 -0.22
CA TYR A 91 -35.78 7.53 -1.47
C TYR A 91 -35.21 6.66 -2.58
N GLY A 92 -35.89 6.64 -3.73
CA GLY A 92 -35.42 5.88 -4.88
C GLY A 92 -35.07 4.41 -4.63
N GLY A 93 -33.94 3.98 -5.21
CA GLY A 93 -33.50 2.60 -5.04
C GLY A 93 -34.32 1.59 -5.82
N VAL A 94 -35.01 2.06 -6.85
CA VAL A 94 -35.84 1.18 -7.66
C VAL A 94 -35.12 0.65 -8.90
N THR A 95 -35.26 -0.65 -9.14
CA THR A 95 -34.65 -1.29 -10.30
C THR A 95 -35.55 -2.40 -10.82
N LYS A 96 -35.34 -2.78 -12.07
CA LYS A 96 -36.10 -3.88 -12.67
C LYS A 96 -35.40 -5.13 -12.18
N LYS A 97 -36.17 -6.15 -11.81
CA LYS A 97 -35.59 -7.40 -11.34
C LYS A 97 -34.83 -8.05 -12.50
N ASN A 98 -33.98 -9.01 -12.18
CA ASN A 98 -33.22 -9.71 -13.22
C ASN A 98 -34.16 -10.46 -14.14
N GLN A 99 -33.80 -10.51 -15.42
CA GLN A 99 -34.60 -11.21 -16.41
C GLN A 99 -33.80 -12.45 -16.81
N GLY A 100 -32.49 -12.37 -16.69
CA GLY A 100 -31.63 -13.49 -17.05
C GLY A 100 -31.37 -14.44 -15.89
N ALA A 101 -30.67 -15.53 -16.19
CA ALA A 101 -30.33 -16.54 -15.19
C ALA A 101 -28.84 -16.42 -14.86
N TYR A 102 -28.52 -16.49 -13.57
CA TYR A 102 -27.14 -16.38 -13.09
C TYR A 102 -26.92 -17.34 -11.92
N TYR A 103 -25.91 -18.21 -12.04
CA TYR A 103 -25.64 -19.15 -10.97
C TYR A 103 -25.23 -18.42 -9.69
N ASP A 104 -24.37 -17.42 -9.84
CA ASP A 104 -23.90 -16.64 -8.70
C ASP A 104 -23.78 -15.17 -9.09
N TYR A 105 -22.56 -14.63 -9.08
CA TYR A 105 -22.37 -13.22 -9.43
C TYR A 105 -22.32 -13.00 -10.93
N LEU A 106 -22.74 -11.83 -11.39
CA LEU A 106 -22.71 -11.57 -12.82
C LEU A 106 -21.60 -10.58 -13.16
N ASN A 107 -20.96 -10.06 -12.11
CA ASN A 107 -19.85 -9.13 -12.26
C ASN A 107 -19.15 -9.05 -10.90
N ALA A 108 -17.82 -8.94 -10.93
CA ALA A 108 -17.03 -8.88 -9.71
C ALA A 108 -15.98 -7.78 -9.82
N PRO A 109 -16.43 -6.51 -9.94
CA PRO A 109 -15.48 -5.40 -10.05
C PRO A 109 -14.66 -5.23 -8.78
N LYS A 110 -13.41 -4.81 -8.95
CA LYS A 110 -12.55 -4.57 -7.80
C LYS A 110 -12.94 -3.25 -7.16
N PHE A 111 -12.86 -3.22 -5.83
CA PHE A 111 -13.12 -1.99 -5.09
C PHE A 111 -11.73 -1.74 -4.51
N VAL A 112 -11.05 -0.72 -5.02
CA VAL A 112 -9.70 -0.40 -4.57
C VAL A 112 -9.67 0.80 -3.63
N ILE A 113 -9.26 0.55 -2.39
CA ILE A 113 -9.19 1.59 -1.38
C ILE A 113 -7.74 1.99 -1.16
N LYS A 114 -7.47 3.29 -1.25
CA LYS A 114 -6.12 3.78 -1.04
C LYS A 114 -6.13 4.91 -0.02
N LYS A 115 -5.13 4.87 0.87
CA LYS A 115 -5.03 5.86 1.92
C LYS A 115 -3.58 6.25 2.17
N GLU A 116 -3.33 7.55 2.24
CA GLU A 116 -1.99 8.06 2.52
C GLU A 116 -1.71 7.72 3.97
N VAL A 117 -0.56 7.10 4.21
CA VAL A 117 -0.15 6.73 5.56
C VAL A 117 1.31 7.11 5.72
N ASP A 118 1.53 8.21 6.43
CA ASP A 118 2.87 8.73 6.70
C ASP A 118 3.71 8.83 5.43
N ALA A 119 4.77 8.02 5.35
CA ALA A 119 5.65 8.09 4.18
C ALA A 119 5.25 7.17 3.04
N GLY A 120 4.07 6.54 3.13
CA GLY A 120 3.65 5.64 2.07
C GLY A 120 2.17 5.64 1.76
N VAL A 121 1.72 4.52 1.17
CA VAL A 121 0.32 4.37 0.80
C VAL A 121 -0.22 3.00 1.21
N TYR A 122 -1.40 3.00 1.81
CA TYR A 122 -2.06 1.77 2.21
C TYR A 122 -3.06 1.45 1.11
N THR A 123 -3.10 0.18 0.70
CA THR A 123 -4.04 -0.26 -0.32
C THR A 123 -4.79 -1.51 0.11
N HIS A 124 -6.09 -1.52 -0.18
CA HIS A 124 -6.93 -2.67 0.12
C HIS A 124 -7.77 -2.91 -1.12
N VAL A 125 -7.80 -4.16 -1.58
CA VAL A 125 -8.56 -4.51 -2.76
C VAL A 125 -9.48 -5.68 -2.45
N LYS A 126 -10.76 -5.51 -2.77
CA LYS A 126 -11.74 -6.57 -2.56
C LYS A 126 -12.63 -6.56 -3.79
N ARG A 127 -13.39 -7.63 -3.97
CA ARG A 127 -14.30 -7.70 -5.10
C ARG A 127 -15.67 -7.33 -4.58
N HIS A 128 -16.34 -6.40 -5.26
CA HIS A 128 -17.68 -6.02 -4.87
C HIS A 128 -18.58 -6.80 -5.81
N TYR A 129 -19.05 -7.95 -5.35
CA TYR A 129 -19.89 -8.81 -6.17
C TYR A 129 -21.23 -8.18 -6.55
N ILE A 130 -21.56 -8.29 -7.83
CA ILE A 130 -22.81 -7.76 -8.37
C ILE A 130 -23.68 -8.94 -8.78
N TYR A 131 -24.94 -8.92 -8.35
CA TYR A 131 -25.86 -10.01 -8.64
C TYR A 131 -27.05 -9.55 -9.47
N LYS A 132 -27.18 -8.24 -9.67
CA LYS A 132 -28.30 -7.68 -10.42
C LYS A 132 -27.96 -6.99 -11.74
N GLU A 133 -28.83 -7.19 -12.73
CA GLU A 133 -28.66 -6.59 -14.05
C GLU A 133 -28.81 -5.07 -13.93
N GLU A 134 -29.66 -4.65 -12.99
CA GLU A 134 -29.88 -3.23 -12.72
C GLU A 134 -29.56 -2.93 -11.28
N VAL A 135 -28.68 -1.96 -11.06
CA VAL A 135 -28.30 -1.58 -9.71
C VAL A 135 -28.39 -0.07 -9.57
N SER A 136 -28.99 0.39 -8.49
CA SER A 136 -29.13 1.82 -8.26
C SER A 136 -27.85 2.36 -7.64
N LEU A 137 -27.51 3.61 -7.95
CA LEU A 137 -26.33 4.22 -7.37
C LEU A 137 -26.56 4.28 -5.87
N LYS A 138 -27.82 4.33 -5.48
CA LYS A 138 -28.20 4.37 -4.06
C LYS A 138 -27.62 3.17 -3.32
N GLU A 139 -27.88 1.97 -3.83
CA GLU A 139 -27.40 0.76 -3.18
C GLU A 139 -25.88 0.64 -3.17
N LEU A 140 -25.23 1.00 -4.28
CA LEU A 140 -23.78 0.94 -4.34
C LEU A 140 -23.17 1.90 -3.33
N ASP A 141 -23.68 3.12 -3.32
CA ASP A 141 -23.19 4.15 -2.41
C ASP A 141 -23.35 3.72 -0.95
N PHE A 142 -24.54 3.22 -0.61
CA PHE A 142 -24.81 2.80 0.76
C PHE A 142 -23.93 1.62 1.21
N LYS A 143 -23.89 0.57 0.39
CA LYS A 143 -23.09 -0.61 0.71
C LYS A 143 -21.59 -0.32 0.75
N LEU A 144 -21.11 0.53 -0.15
CA LEU A 144 -19.70 0.85 -0.16
C LEU A 144 -19.28 1.68 1.05
N ARG A 145 -20.09 2.66 1.44
CA ARG A 145 -19.75 3.46 2.63
C ARG A 145 -19.86 2.58 3.86
N GLN A 146 -20.84 1.67 3.83
CA GLN A 146 -21.06 0.73 4.94
C GLN A 146 -19.76 -0.05 5.17
N TYR A 147 -19.15 -0.48 4.07
CA TYR A 147 -17.90 -1.24 4.12
C TYR A 147 -16.75 -0.38 4.66
N LEU A 148 -16.72 0.88 4.24
CA LEU A 148 -15.66 1.79 4.68
C LEU A 148 -15.78 2.15 6.15
N ILE A 149 -17.01 2.24 6.65
CA ILE A 149 -17.24 2.57 8.04
C ILE A 149 -16.81 1.38 8.91
N GLN A 150 -17.24 0.19 8.49
CA GLN A 150 -16.93 -1.03 9.22
C GLN A 150 -15.44 -1.39 9.26
N ASN A 151 -14.75 -1.18 8.16
CA ASN A 151 -13.35 -1.57 8.09
C ASN A 151 -12.28 -0.51 7.93
N PHE A 152 -12.65 0.71 7.57
CA PHE A 152 -11.65 1.74 7.34
C PHE A 152 -11.85 3.08 8.03
N ASP A 153 -12.51 3.04 9.19
CA ASP A 153 -12.72 4.22 10.02
C ASP A 153 -13.38 5.43 9.36
N LEU A 154 -14.19 5.18 8.33
CA LEU A 154 -14.86 6.30 7.69
C LEU A 154 -15.76 6.95 8.74
N TYR A 155 -15.68 8.27 8.81
CA TYR A 155 -16.46 9.08 9.75
C TYR A 155 -16.01 9.04 11.20
N LYS A 156 -14.81 8.53 11.44
CA LYS A 156 -14.24 8.53 12.78
C LYS A 156 -13.46 9.85 12.82
N LYS A 157 -13.22 10.39 11.62
CA LYS A 157 -12.50 11.64 11.44
C LYS A 157 -13.18 12.36 10.28
N PHE A 158 -12.85 13.64 10.08
CA PHE A 158 -13.46 14.38 8.99
C PHE A 158 -12.98 13.78 7.65
N PRO A 159 -13.93 13.42 6.78
CA PRO A 159 -13.64 12.83 5.46
C PRO A 159 -13.00 13.79 4.47
N LYS A 160 -13.20 15.09 4.70
CA LYS A 160 -12.67 16.12 3.83
C LYS A 160 -12.97 15.77 2.37
N ASP A 161 -11.95 15.65 1.52
CA ASP A 161 -12.18 15.35 0.12
C ASP A 161 -12.28 13.88 -0.28
N SER A 162 -12.50 12.99 0.69
CA SER A 162 -12.61 11.56 0.39
C SER A 162 -13.76 11.32 -0.58
N LYS A 163 -13.54 10.44 -1.55
CA LYS A 163 -14.55 10.14 -2.56
C LYS A 163 -14.52 8.69 -3.00
N ILE A 164 -15.66 8.24 -3.53
CA ILE A 164 -15.76 6.90 -4.10
C ILE A 164 -15.99 7.20 -5.58
N LYS A 165 -15.28 6.49 -6.45
CA LYS A 165 -15.42 6.68 -7.88
C LYS A 165 -15.84 5.36 -8.50
N VAL A 166 -16.98 5.36 -9.18
CA VAL A 166 -17.48 4.15 -9.84
C VAL A 166 -17.16 4.28 -11.31
N ILE A 167 -16.19 3.49 -11.78
CA ILE A 167 -15.77 3.53 -13.17
C ILE A 167 -16.50 2.51 -14.04
N MET A 168 -17.12 3.00 -15.10
CA MET A 168 -17.88 2.15 -16.01
C MET A 168 -17.04 1.62 -17.17
N LYS A 169 -17.51 0.55 -17.78
CA LYS A 169 -16.79 -0.09 -18.88
C LYS A 169 -16.68 0.77 -20.13
N ASP A 170 -17.46 1.86 -20.22
CA ASP A 170 -17.37 2.73 -21.38
C ASP A 170 -16.46 3.92 -21.06
N GLY A 171 -15.83 3.88 -19.89
CA GLY A 171 -14.93 4.95 -19.50
C GLY A 171 -15.56 6.07 -18.68
N GLY A 172 -16.89 6.12 -18.65
CA GLY A 172 -17.55 7.15 -17.86
C GLY A 172 -17.47 6.78 -16.38
N TYR A 173 -17.74 7.74 -15.49
CA TYR A 173 -17.67 7.43 -14.08
C TYR A 173 -18.61 8.27 -13.23
N TYR A 174 -18.90 7.77 -12.03
CA TYR A 174 -19.76 8.44 -11.09
C TYR A 174 -18.93 8.70 -9.85
N THR A 175 -19.27 9.77 -9.13
CA THR A 175 -18.52 10.12 -7.94
C THR A 175 -19.44 10.29 -6.73
N PHE A 176 -19.02 9.75 -5.59
CA PHE A 176 -19.78 9.90 -4.35
C PHE A 176 -18.87 10.66 -3.38
N GLU A 177 -19.17 11.92 -3.14
CA GLU A 177 -18.39 12.74 -2.22
C GLU A 177 -18.75 12.29 -0.81
N LEU A 178 -17.78 11.76 -0.08
CA LEU A 178 -18.04 11.24 1.25
C LEU A 178 -18.32 12.26 2.35
N ASN A 179 -18.04 13.53 2.10
CA ASN A 179 -18.29 14.54 3.14
C ASN A 179 -19.75 14.94 3.27
N LYS A 180 -20.62 14.32 2.47
CA LYS A 180 -22.05 14.62 2.51
C LYS A 180 -22.86 13.39 2.09
N LYS A 181 -24.12 13.35 2.50
CA LYS A 181 -24.99 12.23 2.16
C LYS A 181 -25.24 12.25 0.66
N LEU A 182 -25.47 11.09 0.06
CA LEU A 182 -25.77 11.04 -1.37
C LEU A 182 -27.04 11.87 -1.55
N GLN A 183 -27.04 12.72 -2.56
CA GLN A 183 -28.19 13.58 -2.80
C GLN A 183 -29.45 12.79 -3.17
N PRO A 184 -30.56 13.05 -2.47
CA PRO A 184 -31.82 12.36 -2.73
C PRO A 184 -32.21 12.34 -4.21
N HIS A 185 -31.97 13.45 -4.92
CA HIS A 185 -32.34 13.48 -6.33
C HIS A 185 -31.50 12.57 -7.21
N ARG A 186 -30.48 11.92 -6.63
CA ARG A 186 -29.62 11.01 -7.38
C ARG A 186 -29.91 9.55 -7.04
N MET A 187 -30.73 9.34 -6.00
CA MET A 187 -31.04 7.99 -5.57
C MET A 187 -31.90 7.16 -6.51
N SER A 188 -32.35 7.76 -7.61
CA SER A 188 -33.15 7.06 -8.60
C SER A 188 -32.29 6.74 -9.81
N ASP A 189 -31.01 7.17 -9.78
CA ASP A 189 -30.10 6.88 -10.88
C ASP A 189 -29.76 5.40 -10.86
N VAL A 190 -29.88 4.77 -12.04
CA VAL A 190 -29.62 3.34 -12.16
C VAL A 190 -28.60 3.05 -13.26
N ILE A 191 -27.85 1.97 -13.08
CA ILE A 191 -26.86 1.55 -14.08
C ILE A 191 -26.95 0.04 -14.26
N ASP A 192 -26.37 -0.47 -15.34
CA ASP A 192 -26.39 -1.91 -15.58
C ASP A 192 -25.23 -2.45 -14.74
N GLY A 193 -25.55 -3.37 -13.83
CA GLY A 193 -24.53 -3.94 -12.97
C GLY A 193 -23.37 -4.56 -13.71
N ARG A 194 -23.63 -5.02 -14.93
CA ARG A 194 -22.60 -5.65 -15.74
C ARG A 194 -21.64 -4.65 -16.39
N ASN A 195 -21.99 -3.36 -16.33
CA ASN A 195 -21.14 -2.35 -16.94
C ASN A 195 -20.16 -1.64 -16.00
N ILE A 196 -20.10 -2.10 -14.75
CA ILE A 196 -19.18 -1.52 -13.78
C ILE A 196 -17.82 -2.15 -14.05
N GLU A 197 -16.82 -1.32 -14.30
CA GLU A 197 -15.48 -1.82 -14.59
C GLU A 197 -14.66 -1.98 -13.31
N LYS A 198 -14.67 -0.95 -12.49
CA LYS A 198 -13.90 -0.92 -11.25
C LYS A 198 -14.38 0.22 -10.37
N MET A 199 -14.05 0.15 -9.08
CA MET A 199 -14.46 1.20 -8.18
C MET A 199 -13.26 1.56 -7.31
N GLU A 200 -13.16 2.84 -6.97
CA GLU A 200 -12.02 3.30 -6.17
C GLU A 200 -12.50 4.19 -5.05
N ALA A 201 -11.77 4.18 -3.95
CA ALA A 201 -12.07 5.03 -2.82
C ALA A 201 -10.75 5.59 -2.33
N ASN A 202 -10.67 6.92 -2.27
CA ASN A 202 -9.48 7.58 -1.77
C ASN A 202 -9.95 8.18 -0.46
N ILE A 203 -9.43 7.66 0.65
CA ILE A 203 -9.88 8.11 1.96
C ILE A 203 -8.78 8.64 2.88
N ARG A 204 -9.22 9.28 3.96
CA ARG A 204 -8.34 9.83 5.00
C ARG A 204 -8.39 8.83 6.14
N ALA B 5 25.65 -20.47 21.64
CA ALA B 5 24.59 -20.56 22.69
C ALA B 5 23.26 -20.10 22.10
N LYS B 6 22.23 -20.93 22.20
CA LYS B 6 20.92 -20.60 21.65
C LYS B 6 19.98 -20.00 22.69
N TYR B 7 19.21 -19.01 22.27
CA TYR B 7 18.26 -18.35 23.14
C TYR B 7 16.84 -18.37 22.60
N GLU B 8 15.88 -18.46 23.50
CA GLU B 8 14.47 -18.49 23.12
C GLU B 8 13.79 -17.16 23.41
N ASN B 9 13.02 -16.71 22.44
CA ASN B 9 12.25 -15.46 22.50
C ASN B 9 12.83 -14.31 23.32
N VAL B 10 14.06 -13.92 23.03
CA VAL B 10 14.69 -12.79 23.69
C VAL B 10 15.02 -11.81 22.57
N THR B 11 14.97 -10.53 22.89
CA THR B 11 15.23 -9.48 21.91
C THR B 11 16.67 -8.96 21.90
N LYS B 12 17.53 -9.45 22.79
CA LYS B 12 18.89 -8.95 22.82
C LYS B 12 19.58 -9.00 21.45
N ASP B 13 19.32 -10.05 20.68
CA ASP B 13 19.93 -10.19 19.36
C ASP B 13 19.45 -9.13 18.38
N ILE B 14 18.14 -8.92 18.29
CA ILE B 14 17.65 -7.92 17.35
C ILE B 14 17.98 -6.50 17.79
N PHE B 15 18.04 -6.26 19.10
CA PHE B 15 18.39 -4.91 19.55
C PHE B 15 19.86 -4.66 19.24
N ASP B 16 20.67 -5.72 19.31
CA ASP B 16 22.09 -5.61 19.00
C ASP B 16 22.25 -5.33 17.50
N LEU B 17 21.41 -5.98 16.69
CA LEU B 17 21.47 -5.76 15.24
C LEU B 17 21.10 -4.32 14.97
N ARG B 18 20.09 -3.84 15.70
CA ARG B 18 19.63 -2.47 15.54
C ARG B 18 20.76 -1.50 15.85
N ASP B 19 21.46 -1.72 16.97
CA ASP B 19 22.56 -0.85 17.35
C ASP B 19 23.67 -0.86 16.31
N TYR B 20 23.93 -2.03 15.74
CA TYR B 20 24.95 -2.16 14.73
C TYR B 20 24.61 -1.38 13.46
N TYR B 21 23.45 -1.69 12.89
CA TYR B 21 23.01 -1.06 11.65
C TYR B 21 22.58 0.40 11.73
N SER B 22 22.34 0.91 12.93
CA SER B 22 21.94 2.31 13.07
C SER B 22 23.16 3.09 13.57
N GLY B 23 24.28 2.38 13.67
CA GLY B 23 25.50 2.99 14.16
C GLY B 23 26.28 3.76 13.11
N ALA B 24 27.46 4.23 13.50
CA ALA B 24 28.31 5.00 12.60
C ALA B 24 28.96 4.17 11.51
N SER B 25 29.20 4.82 10.37
CA SER B 25 29.85 4.19 9.24
C SER B 25 30.60 5.33 8.54
N LYS B 26 31.60 4.99 7.76
CA LYS B 26 32.37 6.01 7.09
C LYS B 26 32.94 5.47 5.79
N GLU B 27 33.13 6.36 4.83
CA GLU B 27 33.71 5.96 3.55
C GLU B 27 35.06 6.61 3.36
N LEU B 28 36.06 5.79 3.03
CA LEU B 28 37.41 6.28 2.78
C LEU B 28 37.51 6.27 1.26
N LYS B 29 37.61 7.46 0.68
CA LYS B 29 37.68 7.57 -0.77
C LYS B 29 39.08 7.62 -1.35
N ASN B 30 39.25 6.91 -2.47
CA ASN B 30 40.51 6.88 -3.19
C ASN B 30 41.73 6.69 -2.29
N VAL B 31 41.78 5.56 -1.60
CA VAL B 31 42.89 5.26 -0.72
C VAL B 31 43.66 4.05 -1.25
N THR B 32 44.91 3.91 -0.80
CA THR B 32 45.74 2.79 -1.22
C THR B 32 45.80 1.73 -0.12
N GLY B 33 45.38 0.52 -0.45
CA GLY B 33 45.39 -0.55 0.53
C GLY B 33 46.61 -1.45 0.46
N TYR B 34 47.24 -1.65 1.62
CA TYR B 34 48.42 -2.50 1.69
C TYR B 34 48.04 -3.86 2.26
N ARG B 35 48.19 -4.85 1.38
CA ARG B 35 47.84 -6.25 1.63
C ARG B 35 48.86 -7.10 2.37
N TYR B 36 48.35 -8.00 3.21
CA TYR B 36 49.18 -8.93 3.96
C TYR B 36 48.26 -10.00 4.53
N SER B 37 48.84 -11.13 4.93
CA SER B 37 48.06 -12.23 5.49
C SER B 37 48.61 -12.67 6.83
N LYS B 38 47.71 -13.17 7.67
CA LYS B 38 48.07 -13.66 9.00
C LYS B 38 47.21 -14.87 9.34
N GLY B 39 47.86 -15.95 9.75
CA GLY B 39 47.16 -17.17 10.13
C GLY B 39 45.98 -17.57 9.26
N GLY B 40 46.10 -17.40 7.96
CA GLY B 40 45.02 -17.78 7.06
C GLY B 40 44.03 -16.68 6.74
N LYS B 41 44.19 -15.53 7.38
CA LYS B 41 43.30 -14.39 7.13
C LYS B 41 44.01 -13.32 6.32
N HIS B 42 43.25 -12.57 5.53
CA HIS B 42 43.82 -11.55 4.68
C HIS B 42 43.33 -10.15 5.03
N TYR B 43 44.25 -9.18 5.05
CA TYR B 43 43.89 -7.81 5.40
C TYR B 43 44.48 -6.77 4.46
N LEU B 44 43.97 -5.55 4.63
CA LEU B 44 44.42 -4.38 3.89
C LEU B 44 44.47 -3.28 4.93
N ILE B 45 45.62 -2.61 5.05
CA ILE B 45 45.74 -1.52 5.99
C ILE B 45 45.77 -0.21 5.21
N PHE B 46 45.03 0.78 5.72
CA PHE B 46 44.95 2.09 5.08
C PHE B 46 45.35 3.20 6.04
N ASP B 47 45.78 4.31 5.47
CA ASP B 47 46.16 5.47 6.26
C ASP B 47 45.57 6.70 5.58
N LYS B 48 44.71 7.41 6.29
CA LYS B 48 44.11 8.62 5.75
C LYS B 48 43.73 9.55 6.88
N HIS B 49 44.07 10.82 6.74
CA HIS B 49 43.80 11.81 7.77
C HIS B 49 44.47 11.39 9.08
N GLN B 50 45.66 10.80 8.96
CA GLN B 50 46.45 10.36 10.10
C GLN B 50 45.86 9.20 10.89
N LYS B 51 44.81 8.58 10.36
CA LYS B 51 44.19 7.44 11.05
C LYS B 51 44.37 6.15 10.26
N PHE B 52 44.52 5.04 10.98
CA PHE B 52 44.70 3.76 10.34
C PHE B 52 43.51 2.82 10.47
N THR B 53 43.21 2.13 9.38
CA THR B 53 42.10 1.20 9.33
C THR B 53 42.56 -0.12 8.76
N ARG B 54 42.22 -1.22 9.41
CA ARG B 54 42.59 -2.54 8.93
C ARG B 54 41.31 -3.23 8.46
N ILE B 55 41.32 -3.67 7.20
CA ILE B 55 40.18 -4.35 6.62
C ILE B 55 40.45 -5.82 6.35
N GLN B 56 39.61 -6.71 6.86
CA GLN B 56 39.80 -8.11 6.56
C GLN B 56 39.01 -8.32 5.28
N ILE B 57 39.61 -9.03 4.32
CA ILE B 57 38.93 -9.27 3.04
C ILE B 57 38.61 -10.74 2.84
N PHE B 58 37.57 -11.00 2.07
CA PHE B 58 37.13 -12.38 1.82
C PHE B 58 36.83 -12.62 0.34
N GLY B 59 36.43 -13.85 0.03
CA GLY B 59 36.08 -14.23 -1.32
C GLY B 59 37.00 -13.73 -2.43
N LYS B 60 36.40 -13.24 -3.50
CA LYS B 60 37.13 -12.75 -4.67
C LYS B 60 38.20 -11.70 -4.36
N ASP B 61 38.05 -10.99 -3.23
CA ASP B 61 39.03 -9.98 -2.85
C ASP B 61 40.40 -10.58 -2.59
N ILE B 62 40.41 -11.74 -1.94
CA ILE B 62 41.67 -12.41 -1.62
C ILE B 62 42.56 -12.54 -2.86
N GLU B 63 41.97 -12.87 -3.99
CA GLU B 63 42.73 -13.00 -5.22
C GLU B 63 42.79 -11.69 -5.99
N ARG B 64 41.67 -10.96 -6.01
CA ARG B 64 41.62 -9.69 -6.72
C ARG B 64 42.64 -8.69 -6.20
N LEU B 65 42.73 -8.57 -4.88
CA LEU B 65 43.67 -7.64 -4.26
C LEU B 65 44.95 -8.34 -3.86
N LYS B 66 45.45 -9.19 -4.76
CA LYS B 66 46.68 -9.95 -4.57
C LYS B 66 47.86 -9.04 -4.28
N THR B 67 48.07 -8.07 -5.17
CA THR B 67 49.17 -7.11 -5.05
C THR B 67 49.41 -6.63 -3.63
N ARG B 68 50.67 -6.35 -3.32
CA ARG B 68 51.03 -5.87 -1.99
C ARG B 68 50.53 -4.44 -1.85
N LYS B 69 50.46 -3.73 -2.98
CA LYS B 69 49.98 -2.36 -3.00
C LYS B 69 48.70 -2.35 -3.84
N ASN B 70 47.66 -1.67 -3.36
CA ASN B 70 46.39 -1.61 -4.08
C ASN B 70 45.82 -0.20 -4.05
N PRO B 71 46.17 0.61 -5.06
CA PRO B 71 45.71 2.00 -5.15
C PRO B 71 44.29 2.17 -5.68
N GLY B 72 43.78 3.39 -5.56
CA GLY B 72 42.47 3.75 -6.06
C GLY B 72 41.29 2.93 -5.56
N LEU B 73 41.16 2.83 -4.25
CA LEU B 73 40.07 2.07 -3.66
C LEU B 73 39.19 2.95 -2.80
N ASP B 74 37.92 2.56 -2.71
CA ASP B 74 36.95 3.24 -1.86
C ASP B 74 36.62 2.16 -0.84
N ILE B 75 36.53 2.54 0.44
CA ILE B 75 36.24 1.57 1.49
C ILE B 75 35.05 2.01 2.33
N PHE B 76 34.08 1.11 2.49
CA PHE B 76 32.92 1.42 3.33
C PHE B 76 33.24 0.78 4.67
N VAL B 77 33.55 1.63 5.64
CA VAL B 77 33.95 1.17 6.97
C VAL B 77 32.85 1.16 8.04
N VAL B 78 32.77 0.04 8.75
CA VAL B 78 31.84 -0.13 9.85
C VAL B 78 32.68 -0.80 10.94
N LYS B 79 32.88 -0.09 12.04
CA LYS B 79 33.69 -0.60 13.14
C LYS B 79 33.17 -1.90 13.74
N GLU B 80 34.03 -2.92 13.77
CA GLU B 80 33.68 -4.21 14.35
C GLU B 80 34.45 -4.29 15.66
N ALA B 81 35.66 -3.74 15.65
CA ALA B 81 36.55 -3.72 16.82
C ALA B 81 37.57 -2.59 16.67
N GLU B 82 38.46 -2.48 17.64
CA GLU B 82 39.47 -1.43 17.63
C GLU B 82 40.58 -1.75 18.62
N ASN B 83 41.81 -1.93 18.13
CA ASN B 83 42.93 -2.27 19.00
C ASN B 83 43.52 -1.05 19.72
N THR B 87 43.69 1.79 15.85
CA THR B 87 43.40 1.23 14.49
C THR B 87 42.01 0.61 14.47
N VAL B 88 41.18 1.07 13.53
CA VAL B 88 39.81 0.54 13.41
C VAL B 88 39.79 -0.72 12.56
N PHE B 89 38.96 -1.69 12.95
CA PHE B 89 38.83 -2.94 12.22
C PHE B 89 37.45 -3.08 11.62
N SER B 90 37.40 -3.41 10.33
CA SER B 90 36.13 -3.57 9.62
C SER B 90 36.23 -4.74 8.64
N TYR B 91 35.09 -5.26 8.21
CA TYR B 91 35.03 -6.39 7.28
C TYR B 91 34.68 -5.99 5.85
N GLY B 92 35.54 -6.37 4.90
CA GLY B 92 35.31 -6.09 3.50
C GLY B 92 34.95 -4.66 3.14
N GLY B 93 33.95 -4.50 2.28
CA GLY B 93 33.51 -3.18 1.86
C GLY B 93 34.49 -2.47 0.94
N VAL B 94 35.35 -3.23 0.27
CA VAL B 94 36.35 -2.68 -0.63
C VAL B 94 35.90 -2.68 -2.08
N THR B 95 36.07 -1.54 -2.75
CA THR B 95 35.68 -1.41 -4.15
C THR B 95 36.69 -0.51 -4.86
N LYS B 96 36.72 -0.59 -6.19
CA LYS B 96 37.60 0.26 -6.95
C LYS B 96 36.87 1.58 -7.13
N LYS B 97 37.60 2.68 -7.02
CA LYS B 97 36.98 4.00 -7.16
C LYS B 97 36.44 4.16 -8.58
N ASN B 98 35.57 5.14 -8.78
CA ASN B 98 35.02 5.41 -10.11
C ASN B 98 36.13 5.82 -11.05
N GLN B 99 36.05 5.34 -12.29
CA GLN B 99 37.02 5.71 -13.31
C GLN B 99 36.33 6.70 -14.23
N GLY B 100 35.01 6.56 -14.37
CA GLY B 100 34.24 7.44 -15.22
C GLY B 100 33.79 8.72 -14.54
N ALA B 101 33.20 9.63 -15.32
CA ALA B 101 32.72 10.90 -14.80
C ALA B 101 31.20 10.89 -14.72
N TYR B 102 30.65 11.44 -13.64
CA TYR B 102 29.21 11.49 -13.41
C TYR B 102 28.81 12.77 -12.71
N TYR B 103 27.89 13.53 -13.31
CA TYR B 103 27.44 14.78 -12.70
C TYR B 103 26.88 14.52 -11.31
N ASP B 104 25.98 13.56 -11.20
CA ASP B 104 25.41 13.19 -9.92
C ASP B 104 25.24 11.67 -9.81
N TYR B 105 24.02 11.17 -9.84
CA TYR B 105 23.81 9.72 -9.72
C TYR B 105 23.99 8.96 -11.04
N LEU B 106 24.45 7.73 -10.97
CA LEU B 106 24.62 6.94 -12.19
C LEU B 106 23.56 5.87 -12.30
N ASN B 107 22.73 5.76 -11.27
CA ASN B 107 21.64 4.79 -11.25
C ASN B 107 20.73 5.15 -10.09
N ALA B 108 19.42 5.01 -10.30
CA ALA B 108 18.44 5.33 -9.28
C ALA B 108 17.40 4.24 -9.15
N PRO B 109 17.82 3.02 -8.78
CA PRO B 109 16.87 1.91 -8.64
C PRO B 109 15.84 2.18 -7.55
N LYS B 110 14.63 1.69 -7.77
CA LYS B 110 13.59 1.85 -6.76
C LYS B 110 13.83 0.87 -5.63
N PHE B 111 13.50 1.29 -4.42
CA PHE B 111 13.59 0.43 -3.24
C PHE B 111 12.13 0.37 -2.83
N VAL B 112 11.50 -0.76 -3.07
CA VAL B 112 10.08 -0.94 -2.76
C VAL B 112 9.87 -1.72 -1.46
N ILE B 113 9.25 -1.06 -0.49
CA ILE B 113 9.00 -1.69 0.79
C ILE B 113 7.52 -2.04 0.90
N LYS B 114 7.24 -3.29 1.24
CA LYS B 114 5.87 -3.75 1.41
C LYS B 114 5.67 -4.42 2.76
N LYS B 115 4.54 -4.10 3.38
CA LYS B 115 4.23 -4.64 4.70
C LYS B 115 2.75 -4.96 4.83
N GLU B 116 2.45 -6.14 5.36
CA GLU B 116 1.08 -6.57 5.57
C GLU B 116 0.53 -5.73 6.71
N VAL B 117 -0.61 -5.07 6.48
CA VAL B 117 -1.23 -4.27 7.51
C VAL B 117 -2.70 -4.63 7.56
N ASP B 118 -3.08 -5.38 8.59
CA ASP B 118 -4.44 -5.83 8.78
C ASP B 118 -5.07 -6.40 7.51
N ALA B 119 -6.06 -5.70 6.97
CA ALA B 119 -6.74 -6.19 5.77
C ALA B 119 -6.12 -5.76 4.45
N GLY B 120 -4.97 -5.11 4.50
CA GLY B 120 -4.35 -4.65 3.26
C GLY B 120 -2.84 -4.66 3.26
N VAL B 121 -2.26 -3.84 2.37
CA VAL B 121 -0.81 -3.76 2.26
C VAL B 121 -0.32 -2.32 2.22
N TYR B 122 0.75 -2.07 2.96
CA TYR B 122 1.37 -0.75 2.99
C TYR B 122 2.54 -0.81 2.02
N THR B 123 2.68 0.23 1.19
CA THR B 123 3.79 0.29 0.24
C THR B 123 4.51 1.64 0.32
N HIS B 124 5.83 1.57 0.25
CA HIS B 124 6.68 2.76 0.26
C HIS B 124 7.70 2.58 -0.83
N VAL B 125 7.84 3.58 -1.69
CA VAL B 125 8.82 3.51 -2.78
C VAL B 125 9.70 4.74 -2.74
N LYS B 126 10.99 4.52 -2.82
CA LYS B 126 11.93 5.62 -2.84
C LYS B 126 13.07 5.20 -3.76
N ARG B 127 13.86 6.15 -4.20
CA ARG B 127 14.98 5.83 -5.07
C ARG B 127 16.23 5.70 -4.23
N HIS B 128 16.97 4.61 -4.41
CA HIS B 128 18.22 4.43 -3.69
C HIS B 128 19.29 4.85 -4.69
N TYR B 129 19.70 6.11 -4.61
CA TYR B 129 20.68 6.66 -5.53
C TYR B 129 22.04 5.99 -5.43
N ILE B 130 22.57 5.62 -6.59
CA ILE B 130 23.87 4.96 -6.69
C ILE B 130 24.84 5.95 -7.35
N TYR B 131 26.00 6.15 -6.73
CA TYR B 131 27.00 7.07 -7.24
C TYR B 131 28.31 6.39 -7.62
N LYS B 132 28.43 5.10 -7.31
CA LYS B 132 29.64 4.36 -7.59
C LYS B 132 29.51 3.23 -8.61
N GLU B 133 30.54 3.10 -9.46
CA GLU B 133 30.56 2.06 -10.49
C GLU B 133 30.66 0.70 -9.81
N GLU B 134 31.32 0.66 -8.66
CA GLU B 134 31.46 -0.57 -7.88
C GLU B 134 30.91 -0.35 -6.47
N VAL B 135 29.95 -1.19 -6.07
CA VAL B 135 29.37 -1.08 -4.75
C VAL B 135 29.36 -2.45 -4.09
N SER B 136 29.77 -2.50 -2.83
CA SER B 136 29.81 -3.74 -2.09
C SER B 136 28.43 -4.06 -1.55
N LEU B 137 28.11 -5.35 -1.46
CA LEU B 137 26.82 -5.73 -0.92
C LEU B 137 26.77 -5.24 0.51
N LYS B 138 27.95 -5.11 1.12
CA LYS B 138 28.09 -4.63 2.49
C LYS B 138 27.44 -3.26 2.67
N GLU B 139 27.82 -2.32 1.81
CA GLU B 139 27.27 -0.97 1.88
C GLU B 139 25.78 -0.92 1.63
N LEU B 140 25.31 -1.67 0.63
CA LEU B 140 23.88 -1.68 0.32
C LEU B 140 23.11 -2.24 1.50
N ASP B 141 23.59 -3.35 2.04
CA ASP B 141 22.95 -4.01 3.17
C ASP B 141 22.84 -3.07 4.36
N PHE B 142 23.94 -2.44 4.72
CA PHE B 142 23.98 -1.54 5.86
C PHE B 142 23.08 -0.30 5.69
N LYS B 143 23.19 0.34 4.53
CA LYS B 143 22.41 1.54 4.24
C LYS B 143 20.92 1.25 4.13
N LEU B 144 20.56 0.11 3.53
CA LEU B 144 19.15 -0.21 3.40
C LEU B 144 18.54 -0.55 4.76
N ARG B 145 19.28 -1.30 5.59
CA ARG B 145 18.75 -1.63 6.90
C ARG B 145 18.67 -0.36 7.76
N GLN B 146 19.64 0.53 7.57
CA GLN B 146 19.66 1.78 8.33
C GLN B 146 18.38 2.55 8.02
N TYR B 147 17.98 2.55 6.75
CA TYR B 147 16.77 3.23 6.29
C TYR B 147 15.54 2.56 6.90
N LEU B 148 15.55 1.23 6.94
CA LEU B 148 14.41 0.50 7.50
C LEU B 148 14.28 0.71 9.00
N ILE B 149 15.40 0.79 9.70
CA ILE B 149 15.37 1.01 11.15
C ILE B 149 14.83 2.41 11.43
N GLN B 150 15.37 3.39 10.74
CA GLN B 150 14.97 4.78 10.92
C GLN B 150 13.50 5.08 10.59
N ASN B 151 13.01 4.50 9.49
CA ASN B 151 11.65 4.80 9.06
C ASN B 151 10.59 3.72 9.11
N PHE B 152 10.97 2.46 9.29
CA PHE B 152 9.98 1.39 9.27
C PHE B 152 10.02 0.39 10.42
N ASP B 153 10.45 0.87 11.57
CA ASP B 153 10.51 0.08 12.80
C ASP B 153 11.25 -1.25 12.76
N LEU B 154 12.21 -1.38 11.86
CA LEU B 154 12.96 -2.62 11.77
C LEU B 154 13.65 -2.82 13.12
N TYR B 155 13.53 -4.04 13.64
CA TYR B 155 14.11 -4.44 14.92
C TYR B 155 13.41 -3.92 16.18
N LYS B 156 12.23 -3.34 16.01
CA LYS B 156 11.44 -2.89 17.16
C LYS B 156 10.62 -4.14 17.53
N LYS B 157 10.62 -5.10 16.60
CA LYS B 157 9.90 -6.35 16.76
C LYS B 157 10.72 -7.45 16.06
N PHE B 158 10.37 -8.71 16.26
CA PHE B 158 11.11 -9.78 15.61
C PHE B 158 10.89 -9.69 14.10
N PRO B 159 11.99 -9.67 13.33
CA PRO B 159 11.92 -9.58 11.86
C PRO B 159 11.41 -10.86 11.19
N LYS B 160 11.58 -11.98 11.86
CA LYS B 160 11.15 -13.26 11.32
C LYS B 160 11.70 -13.46 9.90
N ASP B 161 10.83 -13.69 8.92
CA ASP B 161 11.30 -13.92 7.56
C ASP B 161 11.49 -12.67 6.71
N SER B 162 11.57 -11.50 7.32
CA SER B 162 11.76 -10.24 6.58
C SER B 162 13.05 -10.31 5.79
N LYS B 163 13.01 -9.82 4.55
CA LYS B 163 14.18 -9.87 3.68
C LYS B 163 14.29 -8.68 2.74
N ILE B 164 15.51 -8.43 2.31
CA ILE B 164 15.78 -7.39 1.33
C ILE B 164 16.24 -8.18 0.12
N LYS B 165 15.71 -7.84 -1.05
CA LYS B 165 16.09 -8.53 -2.28
C LYS B 165 16.65 -7.51 -3.25
N VAL B 166 17.87 -7.73 -3.72
CA VAL B 166 18.49 -6.82 -4.68
C VAL B 166 18.43 -7.49 -6.04
N ILE B 167 17.59 -6.97 -6.92
CA ILE B 167 17.41 -7.54 -8.25
C ILE B 167 18.32 -6.86 -9.27
N MET B 168 19.11 -7.66 -9.98
CA MET B 168 20.03 -7.15 -10.97
C MET B 168 19.40 -7.08 -12.36
N LYS B 169 20.00 -6.29 -13.24
CA LYS B 169 19.48 -6.13 -14.59
C LYS B 169 19.53 -7.39 -15.45
N ASP B 170 20.28 -8.40 -15.02
CA ASP B 170 20.36 -9.63 -15.80
C ASP B 170 19.37 -10.67 -15.25
N GLY B 171 18.55 -10.24 -14.29
CA GLY B 171 17.57 -11.14 -13.71
C GLY B 171 18.02 -11.87 -12.44
N GLY B 172 19.31 -11.84 -12.16
CA GLY B 172 19.80 -12.49 -10.96
C GLY B 172 19.49 -11.64 -9.74
N TYR B 173 19.57 -12.20 -8.55
CA TYR B 173 19.29 -11.42 -7.36
C TYR B 173 20.04 -11.87 -6.13
N TYR B 174 20.17 -10.96 -5.18
CA TYR B 174 20.85 -11.21 -3.93
C TYR B 174 19.82 -11.04 -2.83
N THR B 175 19.99 -11.76 -1.74
CA THR B 175 19.05 -11.67 -0.64
C THR B 175 19.74 -11.36 0.68
N PHE B 176 19.13 -10.48 1.48
CA PHE B 176 19.66 -10.16 2.80
C PHE B 176 18.59 -10.55 3.80
N GLU B 177 18.84 -11.59 4.59
CA GLU B 177 17.89 -12.03 5.60
C GLU B 177 18.04 -11.10 6.79
N LEU B 178 16.97 -10.37 7.11
CA LEU B 178 17.03 -9.40 8.19
C LEU B 178 17.08 -9.96 9.60
N ASN B 179 16.81 -11.25 9.77
CA ASN B 179 16.84 -11.83 11.12
C ASN B 179 18.25 -12.14 11.62
N LYS B 180 19.24 -11.86 10.79
CA LYS B 180 20.64 -12.09 11.16
C LYS B 180 21.52 -11.04 10.49
N LYS B 181 22.73 -10.86 11.02
CA LYS B 181 23.67 -9.88 10.45
C LYS B 181 24.16 -10.42 9.12
N LEU B 182 24.55 -9.54 8.21
CA LEU B 182 25.07 -9.98 6.92
C LEU B 182 26.32 -10.77 7.27
N GLN B 183 26.48 -11.94 6.67
CA GLN B 183 27.62 -12.80 6.94
C GLN B 183 28.93 -12.13 6.53
N PRO B 184 29.91 -12.08 7.45
CA PRO B 184 31.20 -11.46 7.15
C PRO B 184 31.84 -11.95 5.86
N HIS B 185 31.76 -13.25 5.58
CA HIS B 185 32.37 -13.77 4.37
C HIS B 185 31.69 -13.29 3.09
N ARG B 186 30.61 -12.51 3.24
CA ARG B 186 29.89 -11.97 2.10
C ARG B 186 30.15 -10.47 1.94
N MET B 187 30.79 -9.88 2.94
CA MET B 187 31.06 -8.45 2.89
C MET B 187 32.11 -7.98 1.90
N SER B 188 32.71 -8.93 1.17
CA SER B 188 33.68 -8.59 0.14
C SER B 188 33.04 -8.78 -1.24
N ASP B 189 31.78 -9.19 -1.25
CA ASP B 189 31.06 -9.37 -2.51
C ASP B 189 30.77 -7.99 -3.09
N VAL B 190 31.06 -7.83 -4.37
CA VAL B 190 30.87 -6.56 -5.05
C VAL B 190 30.05 -6.70 -6.32
N ILE B 191 29.33 -5.64 -6.68
CA ILE B 191 28.52 -5.63 -7.89
C ILE B 191 28.69 -4.28 -8.59
N ASP B 192 28.31 -4.23 -9.86
CA ASP B 192 28.40 -2.98 -10.61
C ASP B 192 27.16 -2.18 -10.21
N GLY B 193 27.38 -0.97 -9.68
CA GLY B 193 26.27 -0.14 -9.26
C GLY B 193 25.26 0.16 -10.35
N ARG B 194 25.72 0.13 -11.60
CA ARG B 194 24.86 0.40 -12.75
C ARG B 194 24.00 -0.81 -13.13
N ASN B 195 24.31 -1.98 -12.56
CA ASN B 195 23.58 -3.19 -12.88
C ASN B 195 22.39 -3.50 -11.96
N ILE B 196 22.14 -2.65 -10.98
CA ILE B 196 21.01 -2.87 -10.07
C ILE B 196 19.73 -2.44 -10.76
N GLU B 197 18.76 -3.35 -10.82
CA GLU B 197 17.50 -3.03 -11.49
C GLU B 197 16.50 -2.43 -10.50
N LYS B 198 16.30 -3.14 -9.40
CA LYS B 198 15.34 -2.72 -8.37
C LYS B 198 15.65 -3.45 -7.08
N MET B 199 15.12 -2.92 -5.99
CA MET B 199 15.33 -3.54 -4.69
C MET B 199 14.01 -3.60 -3.96
N GLU B 200 13.80 -4.69 -3.23
CA GLU B 200 12.56 -4.88 -2.49
C GLU B 200 12.83 -5.28 -1.06
N ALA B 201 11.87 -4.97 -0.20
CA ALA B 201 11.94 -5.32 1.21
C ALA B 201 10.55 -5.69 1.64
N ASN B 202 10.40 -6.91 2.14
CA ASN B 202 9.12 -7.37 2.65
C ASN B 202 9.37 -7.49 4.14
N ILE B 203 8.73 -6.61 4.91
CA ILE B 203 8.93 -6.55 6.34
C ILE B 203 7.65 -6.71 7.17
N ARG B 204 7.84 -6.98 8.47
CA ARG B 204 6.76 -7.11 9.43
C ARG B 204 6.75 -5.83 10.25
#